data_3RUM
#
_entry.id   3RUM
#
_cell.length_a   57.833
_cell.length_b   75.005
_cell.length_c   90.778
_cell.angle_alpha   90.00
_cell.angle_beta   90.00
_cell.angle_gamma   90.00
#
_symmetry.space_group_name_H-M   'P 21 21 21'
#
loop_
_entity.id
_entity.type
_entity.pdbx_description
1 polymer 'Maltose-binding periplasmic protein'
2 polymer Ristocetin
3 branched alpha-D-arabinofuranose-(1-2)-alpha-D-mannopyranose-(1-2)-[alpha-L-rhamnopyranose-(1-6)]beta-D-glucopyranose
4 branched alpha-D-glucopyranose-(1-4)-alpha-D-glucopyranose
5 non-polymer 'ISOPROPYL ALCOHOL'
6 non-polymer 'SULFATE ION'
7 non-polymer 3-amino-2,3,6-trideoxy-alpha-L-ribo-hexopyranose
8 non-polymer alpha-D-mannopyranose
9 water water
#
loop_
_entity_poly.entity_id
_entity_poly.type
_entity_poly.pdbx_seq_one_letter_code
_entity_poly.pdbx_strand_id
1 'polypeptide(L)'
;MKIEEGKLVIWINGDKGYNGLAEVGKKFEKDTGIKVTVEHPDKLEEKFPQVAATGDGPDIIFWAHDRFGGYAQSGLLAEI
TPDKAFQDKLYPFTWDAVRYNGKLIAYPIAVEALSLIYNKDLLPNPPKTWEEIPALDKELKAKGKSALMFNLQEPYFTWP
LIAADGGYAFKYENGKYDIKDVGVDNAGAKAGLTFLVDLIKNKHMNADTDYSIAEAAFNKGETAMTINGPWAWSNIDTSK
VNYGVTVLPTFKGQPSKPFVGVLSAGINAASPNKELAKEFLENYLLTDEGLEAVNKDKPLGAVALKSYEEELAKDPRIAA
TMENAQKGEIMPNIPQMSAFWYAVRTAVINAASGRQTVDEALKDAQTNAAAAAG(CCS)K(DAL)(DAL)
;
A
2 'polypeptide(L)' (GHP)(HTY)(MP4)(GHP)(GHP)(OMX)(MDF) B,C
#
# COMPACT_ATOMS: atom_id res chain seq x y z
N MET A 1 -9.76 26.66 4.12
CA MET A 1 -8.51 26.25 4.73
C MET A 1 -8.69 26.04 6.24
N LYS A 2 -8.54 24.79 6.68
CA LYS A 2 -9.12 24.38 7.95
C LYS A 2 -8.20 24.24 9.17
N ILE A 3 -6.88 24.23 8.99
CA ILE A 3 -5.98 24.17 10.16
C ILE A 3 -6.25 25.35 11.10
N GLU A 4 -6.36 25.06 12.40
CA GLU A 4 -6.46 26.08 13.45
C GLU A 4 -5.63 25.69 14.66
N GLU A 5 -5.10 26.68 15.36
CA GLU A 5 -4.46 26.44 16.66
C GLU A 5 -5.42 25.72 17.60
N GLY A 6 -4.96 24.64 18.20
CA GLY A 6 -5.77 23.96 19.20
C GLY A 6 -6.74 22.92 18.65
N LYS A 7 -6.70 22.68 17.35
CA LYS A 7 -7.48 21.62 16.71
C LYS A 7 -6.57 20.77 15.81
N LEU A 8 -7.01 19.56 15.46
CA LEU A 8 -6.25 18.72 14.52
C LEU A 8 -7.09 18.29 13.31
N VAL A 9 -6.52 18.49 12.13
CA VAL A 9 -7.09 17.95 10.90
C VAL A 9 -6.22 16.79 10.43
N ILE A 10 -6.85 15.65 10.15
CA ILE A 10 -6.13 14.44 9.76
C ILE A 10 -6.62 13.98 8.39
N TRP A 11 -5.69 13.63 7.51
CA TRP A 11 -6.07 13.03 6.23
C TRP A 11 -5.68 11.57 6.21
N ILE A 12 -6.59 10.73 5.74
CA ILE A 12 -6.34 9.32 5.56
C ILE A 12 -7.16 8.80 4.38
N ASN A 13 -6.66 7.76 3.71
CA ASN A 13 -7.36 7.24 2.55
C ASN A 13 -8.75 6.68 2.86
N GLY A 14 -9.67 6.87 1.94
CA GLY A 14 -11.06 6.48 2.15
C GLY A 14 -11.36 4.99 2.20
N ASP A 15 -10.39 4.14 1.86
CA ASP A 15 -10.57 2.69 2.00
C ASP A 15 -10.14 2.17 3.37
N LYS A 16 -9.58 3.06 4.18
CA LYS A 16 -9.08 2.66 5.49
C LYS A 16 -10.04 3.08 6.59
N GLY A 17 -9.70 2.75 7.84
CA GLY A 17 -10.68 2.84 8.90
C GLY A 17 -10.84 4.24 9.45
N TYR A 18 -11.29 5.18 8.62
CA TYR A 18 -11.37 6.58 9.05
C TYR A 18 -12.43 6.85 10.10
N ASN A 19 -13.47 6.01 10.16
CA ASN A 19 -14.46 6.17 11.21
C ASN A 19 -13.92 5.70 12.56
N GLY A 20 -13.13 4.63 12.53
CA GLY A 20 -12.49 4.16 13.75
C GLY A 20 -11.48 5.17 14.25
N LEU A 21 -10.80 5.84 13.32
CA LEU A 21 -9.82 6.86 13.68
C LEU A 21 -10.50 8.07 14.29
N ALA A 22 -11.63 8.45 13.71
CA ALA A 22 -12.41 9.55 14.27
C ALA A 22 -12.83 9.28 15.71
N GLU A 23 -13.08 8.01 16.03
CA GLU A 23 -13.45 7.62 17.39
C GLU A 23 -12.31 7.77 18.39
N VAL A 24 -11.08 7.47 17.97
CA VAL A 24 -9.92 7.76 18.80
C VAL A 24 -9.81 9.26 18.99
N GLY A 25 -10.04 10.01 17.92
CA GLY A 25 -10.03 11.46 18.00
C GLY A 25 -11.09 12.05 18.91
N LYS A 26 -12.26 11.42 18.96
CA LYS A 26 -13.33 11.81 19.87
C LYS A 26 -12.87 11.63 21.34
N LYS A 27 -12.22 10.50 21.62
CA LYS A 27 -11.66 10.29 22.95
C LYS A 27 -10.56 11.33 23.26
N PHE A 28 -9.73 11.65 22.27
CA PHE A 28 -8.68 12.67 22.47
C PHE A 28 -9.31 14.02 22.85
N GLU A 29 -10.40 14.38 22.18
CA GLU A 29 -11.07 15.66 22.44
C GLU A 29 -11.70 15.67 23.84
N LYS A 30 -12.33 14.57 24.25
CA LYS A 30 -12.87 14.52 25.61
C LYS A 30 -11.78 14.80 26.64
N ASP A 31 -10.60 14.25 26.41
CA ASP A 31 -9.50 14.30 27.38
C ASP A 31 -8.79 15.64 27.37
N THR A 32 -8.70 16.28 26.20
CA THR A 32 -7.84 17.44 26.03
C THR A 32 -8.54 18.70 25.53
N GLY A 33 -9.76 18.54 25.02
CA GLY A 33 -10.49 19.66 24.45
C GLY A 33 -10.05 19.98 23.03
N ILE A 34 -9.15 19.16 22.48
CA ILE A 34 -8.64 19.36 21.13
C ILE A 34 -9.52 18.62 20.13
N LYS A 35 -10.25 19.35 19.31
CA LYS A 35 -11.15 18.71 18.36
C LYS A 35 -10.33 18.04 17.26
N VAL A 36 -10.75 16.84 16.87
CA VAL A 36 -10.08 16.08 15.82
C VAL A 36 -11.03 15.83 14.67
N THR A 37 -10.67 16.32 13.49
CA THR A 37 -11.47 16.12 12.30
C THR A 37 -10.71 15.23 11.33
N VAL A 38 -11.30 14.09 10.99
CA VAL A 38 -10.70 13.17 10.05
C VAL A 38 -11.37 13.32 8.69
N GLU A 39 -10.55 13.51 7.67
CA GLU A 39 -11.04 13.69 6.31
C GLU A 39 -10.39 12.66 5.41
N HIS A 40 -11.05 12.29 4.32
CA HIS A 40 -10.47 11.33 3.38
C HIS A 40 -10.59 11.82 1.95
N PRO A 41 -9.77 12.82 1.59
CA PRO A 41 -9.81 13.44 0.27
C PRO A 41 -9.34 12.43 -0.75
N ASP A 42 -9.74 12.61 -2.01
CA ASP A 42 -9.20 11.83 -3.10
C ASP A 42 -7.75 12.27 -3.33
N LYS A 43 -6.90 11.31 -3.66
CA LYS A 43 -5.50 11.57 -3.99
C LYS A 43 -4.83 12.45 -2.94
N LEU A 44 -5.05 12.12 -1.67
CA LEU A 44 -4.56 12.98 -0.61
C LEU A 44 -3.04 13.07 -0.64
N GLU A 45 -2.40 12.01 -1.15
CA GLU A 45 -0.94 11.94 -1.13
C GLU A 45 -0.34 12.83 -2.21
N GLU A 46 -1.10 13.06 -3.27
CA GLU A 46 -0.71 14.01 -4.31
C GLU A 46 -1.04 15.45 -3.92
N LYS A 47 -2.17 15.62 -3.22
CA LYS A 47 -2.61 16.95 -2.76
C LYS A 47 -1.68 17.56 -1.71
N PHE A 48 -1.13 16.71 -0.85
CA PHE A 48 -0.42 17.20 0.35
C PHE A 48 0.67 18.27 0.14
N PRO A 49 1.66 18.01 -0.74
CA PRO A 49 2.80 18.93 -0.84
C PRO A 49 2.43 20.39 -1.11
N GLN A 50 1.50 20.61 -2.03
CA GLN A 50 1.19 21.97 -2.45
C GLN A 50 0.26 22.71 -1.51
N VAL A 51 -0.36 22.00 -0.58
CA VAL A 51 -1.24 22.68 0.37
C VAL A 51 -0.74 22.62 1.81
N ALA A 52 0.37 21.92 2.04
CA ALA A 52 0.91 21.73 3.38
C ALA A 52 1.30 23.02 4.06
N ALA A 53 2.01 23.88 3.32
CA ALA A 53 2.67 25.03 3.93
C ALA A 53 1.72 26.15 4.30
N THR A 54 0.82 26.50 3.39
CA THR A 54 -0.01 27.68 3.56
C THR A 54 -1.45 27.38 3.18
N GLY A 55 -1.66 26.26 2.50
CA GLY A 55 -2.95 25.91 1.96
C GLY A 55 -3.84 25.20 2.94
N ASP A 56 -4.87 24.53 2.43
CA ASP A 56 -5.82 23.77 3.25
C ASP A 56 -5.33 22.35 3.55
N GLY A 57 -4.06 22.21 3.92
CA GLY A 57 -3.52 20.90 4.27
C GLY A 57 -3.91 20.50 5.68
N PRO A 58 -3.64 19.23 6.04
CA PRO A 58 -3.90 18.61 7.35
C PRO A 58 -2.75 18.86 8.32
N ASP A 59 -3.02 18.68 9.61
CA ASP A 59 -1.96 18.64 10.62
C ASP A 59 -1.22 17.30 10.56
N ILE A 60 -1.97 16.25 10.21
CA ILE A 60 -1.42 14.89 10.12
C ILE A 60 -1.88 14.25 8.83
N ILE A 61 -0.94 13.58 8.16
CA ILE A 61 -1.24 12.85 6.93
C ILE A 61 -0.89 11.36 7.13
N PHE A 62 -1.83 10.49 6.80
CA PHE A 62 -1.63 9.05 6.84
C PHE A 62 -1.47 8.52 5.42
N TRP A 63 -0.33 7.91 5.14
CA TRP A 63 -0.12 7.23 3.86
C TRP A 63 0.99 6.21 4.04
N ALA A 64 1.15 5.31 3.07
CA ALA A 64 2.30 4.42 3.05
C ALA A 64 3.59 5.22 3.08
N HIS A 65 4.61 4.67 3.72
CA HIS A 65 5.86 5.41 3.94
C HIS A 65 6.66 5.80 2.68
N ASP A 66 6.39 5.17 1.54
CA ASP A 66 7.20 5.42 0.36
C ASP A 66 7.16 6.87 -0.12
N ARG A 67 6.07 7.58 0.18
CA ARG A 67 5.90 8.98 -0.25
C ARG A 67 6.62 9.95 0.66
N PHE A 68 7.01 9.48 1.84
CA PHE A 68 7.42 10.39 2.91
C PHE A 68 8.82 11.00 2.77
N GLY A 69 9.75 10.24 2.18
CA GLY A 69 11.08 10.76 1.94
C GLY A 69 11.03 11.99 1.06
N GLY A 70 10.20 11.95 0.01
CA GLY A 70 10.01 13.11 -0.83
C GLY A 70 9.45 14.31 -0.07
N TYR A 71 8.43 14.08 0.75
CA TYR A 71 7.90 15.14 1.61
C TYR A 71 9.02 15.71 2.48
N ALA A 72 9.79 14.83 3.10
CA ALA A 72 10.86 15.28 4.02
C ALA A 72 11.95 16.08 3.30
N GLN A 73 12.30 15.66 2.10
CA GLN A 73 13.27 16.41 1.29
C GLN A 73 12.83 17.85 1.08
N SER A 74 11.53 18.07 0.94
CA SER A 74 11.00 19.43 0.77
C SER A 74 10.68 20.13 2.09
N GLY A 75 11.10 19.54 3.20
CA GLY A 75 10.90 20.15 4.51
C GLY A 75 9.46 20.15 5.00
N LEU A 76 8.64 19.23 4.49
CA LEU A 76 7.20 19.27 4.77
C LEU A 76 6.76 18.48 6.01
N LEU A 77 7.64 17.62 6.51
CA LEU A 77 7.32 16.79 7.67
C LEU A 77 8.14 17.14 8.91
N ALA A 78 7.47 17.21 10.06
CA ALA A 78 8.14 17.43 11.33
C ALA A 78 8.92 16.17 11.75
N GLU A 79 10.14 16.37 12.19
CA GLU A 79 10.91 15.27 12.73
C GLU A 79 10.15 14.78 13.94
N ILE A 80 10.02 13.48 14.12
CA ILE A 80 9.41 12.99 15.35
C ILE A 80 10.47 12.43 16.28
N THR A 81 10.21 12.54 17.58
CA THR A 81 11.20 12.19 18.59
C THR A 81 10.65 11.30 19.70
N PRO A 82 10.15 10.11 19.35
CA PRO A 82 9.70 9.17 20.39
C PRO A 82 10.90 8.74 21.22
N ASP A 83 10.70 8.51 22.52
CA ASP A 83 11.83 8.10 23.35
C ASP A 83 12.10 6.62 23.18
N LYS A 84 13.30 6.18 23.57
CA LYS A 84 13.68 4.79 23.37
C LYS A 84 12.63 3.82 23.90
N ALA A 85 12.00 4.17 25.01
CA ALA A 85 10.98 3.31 25.60
C ALA A 85 9.73 3.20 24.72
N PHE A 86 9.37 4.30 24.06
CA PHE A 86 8.25 4.22 23.13
C PHE A 86 8.67 3.47 21.86
N GLN A 87 9.87 3.73 21.38
CA GLN A 87 10.36 3.05 20.18
C GLN A 87 10.40 1.54 20.40
N ASP A 88 10.76 1.12 21.60
CA ASP A 88 10.80 -0.30 21.93
C ASP A 88 9.43 -0.96 21.88
N LYS A 89 8.37 -0.14 21.84
CA LYS A 89 7.00 -0.65 21.70
C LYS A 89 6.65 -1.15 20.29
N LEU A 90 7.41 -0.72 19.28
CA LEU A 90 7.09 -1.06 17.90
C LEU A 90 8.22 -1.91 17.29
N TYR A 91 7.92 -2.75 16.30
CA TYR A 91 8.98 -3.55 15.67
C TYR A 91 10.02 -2.64 15.05
N PRO A 92 11.31 -2.96 15.26
CA PRO A 92 12.41 -2.13 14.80
C PRO A 92 12.39 -1.83 13.32
N PHE A 93 11.99 -2.78 12.47
CA PHE A 93 12.01 -2.50 11.04
C PHE A 93 10.96 -1.46 10.61
N THR A 94 9.89 -1.30 11.40
CA THR A 94 8.91 -0.28 11.07
C THR A 94 9.48 1.13 11.25
N TRP A 95 10.32 1.34 12.27
CA TRP A 95 11.02 2.60 12.43
C TRP A 95 11.96 2.89 11.26
N ASP A 96 12.59 1.86 10.70
CA ASP A 96 13.49 2.05 9.57
C ASP A 96 12.75 2.54 8.34
N ALA A 97 11.51 2.06 8.16
CA ALA A 97 10.67 2.47 7.04
C ALA A 97 10.39 3.97 7.05
N VAL A 98 10.34 4.56 8.24
CA VAL A 98 10.06 5.99 8.36
C VAL A 98 11.31 6.79 8.77
N ARG A 99 12.49 6.21 8.57
CA ARG A 99 13.72 6.95 8.78
C ARG A 99 14.23 7.42 7.41
N TYR A 100 14.53 8.71 7.30
CA TYR A 100 15.01 9.29 6.05
C TYR A 100 16.08 10.34 6.32
N ASN A 101 17.25 10.16 5.72
CA ASN A 101 18.38 11.06 5.97
C ASN A 101 18.70 11.13 7.46
N GLY A 102 18.69 9.99 8.13
CA GLY A 102 19.06 9.91 9.53
C GLY A 102 17.99 10.25 10.56
N LYS A 103 16.83 10.73 10.11
CA LYS A 103 15.80 11.23 11.02
C LYS A 103 14.49 10.47 10.88
N LEU A 104 13.78 10.29 11.98
CA LEU A 104 12.43 9.74 11.91
C LEU A 104 11.46 10.83 11.47
N ILE A 105 10.63 10.52 10.48
CA ILE A 105 9.76 11.54 9.89
C ILE A 105 8.29 11.16 9.90
N ALA A 106 7.94 10.10 10.63
CA ALA A 106 6.56 9.70 10.80
C ALA A 106 6.45 8.58 11.83
N TYR A 107 5.25 8.35 12.32
CA TYR A 107 4.97 7.20 13.19
C TYR A 107 4.46 6.01 12.39
N PRO A 108 5.16 4.86 12.48
CA PRO A 108 4.70 3.67 11.77
C PRO A 108 3.41 3.19 12.40
N ILE A 109 2.48 2.71 11.59
CA ILE A 109 1.20 2.28 12.12
C ILE A 109 0.99 0.81 11.83
N ALA A 110 1.12 0.42 10.56
CA ALA A 110 0.86 -0.97 10.21
C ALA A 110 1.54 -1.37 8.90
N VAL A 111 1.88 -2.64 8.81
CA VAL A 111 2.47 -3.17 7.60
C VAL A 111 1.37 -3.71 6.67
N GLU A 112 1.33 -3.16 5.46
CA GLU A 112 0.33 -3.51 4.48
C GLU A 112 0.97 -4.35 3.39
N ALA A 113 0.55 -5.59 3.26
CA ALA A 113 1.03 -6.43 2.17
C ALA A 113 -0.16 -6.98 1.41
N LEU A 114 -0.02 -7.06 0.08
CA LEU A 114 -1.03 -7.64 -0.80
C LEU A 114 -1.06 -9.14 -0.63
N SER A 115 -2.25 -9.73 -0.71
CA SER A 115 -2.42 -11.17 -0.67
C SER A 115 -3.36 -11.63 -1.76
N LEU A 116 -3.35 -12.93 -2.03
CA LEU A 116 -4.35 -13.52 -2.92
C LEU A 116 -5.59 -13.82 -2.10
N ILE A 117 -6.71 -13.25 -2.52
CA ILE A 117 -7.97 -13.46 -1.83
C ILE A 117 -8.81 -14.32 -2.76
N TYR A 118 -9.40 -15.40 -2.24
CA TYR A 118 -10.15 -16.29 -3.12
C TYR A 118 -11.48 -16.73 -2.54
N ASN A 119 -12.40 -17.03 -3.44
CA ASN A 119 -13.73 -17.51 -3.09
C ASN A 119 -13.68 -19.01 -2.88
N LYS A 120 -13.83 -19.47 -1.65
CA LYS A 120 -13.71 -20.89 -1.35
C LYS A 120 -14.79 -21.74 -2.03
N ASP A 121 -15.95 -21.16 -2.27
CA ASP A 121 -17.05 -21.90 -2.89
C ASP A 121 -16.79 -22.12 -4.38
N LEU A 122 -16.25 -21.11 -5.05
CA LEU A 122 -15.92 -21.22 -6.46
C LEU A 122 -14.63 -21.97 -6.69
N LEU A 123 -13.74 -21.94 -5.69
CA LEU A 123 -12.36 -22.36 -5.88
C LEU A 123 -11.77 -22.84 -4.56
N PRO A 124 -12.08 -24.08 -4.17
CA PRO A 124 -11.67 -24.53 -2.83
C PRO A 124 -10.16 -24.62 -2.70
N ASN A 125 -9.47 -24.86 -3.81
CA ASN A 125 -8.01 -24.88 -3.81
C ASN A 125 -7.46 -23.87 -4.81
N PRO A 126 -7.04 -22.70 -4.31
CA PRO A 126 -6.50 -21.64 -5.15
C PRO A 126 -5.21 -22.10 -5.83
N PRO A 127 -4.85 -21.48 -6.97
CA PRO A 127 -3.68 -21.88 -7.75
C PRO A 127 -2.37 -21.43 -7.11
N LYS A 128 -1.34 -22.25 -7.25
CA LYS A 128 -0.04 -21.91 -6.65
C LYS A 128 0.80 -21.08 -7.60
N THR A 129 0.42 -21.07 -8.88
CA THR A 129 1.22 -20.44 -9.92
C THR A 129 0.39 -19.45 -10.76
N TRP A 130 1.04 -18.41 -11.26
CA TRP A 130 0.35 -17.52 -12.18
C TRP A 130 0.06 -18.29 -13.47
N GLU A 131 0.97 -19.19 -13.81
CA GLU A 131 0.90 -19.91 -15.08
C GLU A 131 -0.39 -20.74 -15.24
N GLU A 132 -0.98 -21.16 -14.14
CA GLU A 132 -2.19 -21.97 -14.27
C GLU A 132 -3.47 -21.14 -14.33
N ILE A 133 -3.34 -19.82 -14.29
CA ILE A 133 -4.52 -18.95 -14.30
C ILE A 133 -5.28 -18.94 -15.64
N PRO A 134 -4.55 -18.95 -16.76
CA PRO A 134 -5.32 -19.04 -18.01
C PRO A 134 -6.24 -20.27 -18.11
N ALA A 135 -5.74 -21.45 -17.78
CA ALA A 135 -6.57 -22.64 -17.83
C ALA A 135 -7.74 -22.54 -16.85
N LEU A 136 -7.48 -22.01 -15.67
CA LEU A 136 -8.51 -21.87 -14.65
C LEU A 136 -9.61 -20.91 -15.10
N ASP A 137 -9.23 -19.85 -15.80
CA ASP A 137 -10.19 -18.93 -16.37
C ASP A 137 -11.10 -19.66 -17.37
N LYS A 138 -10.50 -20.34 -18.34
CA LYS A 138 -11.28 -21.07 -19.35
C LYS A 138 -12.34 -21.94 -18.69
N GLU A 139 -11.96 -22.61 -17.61
CA GLU A 139 -12.88 -23.47 -16.87
C GLU A 139 -14.02 -22.65 -16.30
N LEU A 140 -13.67 -21.56 -15.62
CA LEU A 140 -14.65 -20.76 -14.91
C LEU A 140 -15.55 -20.02 -15.88
N LYS A 141 -14.98 -19.58 -17.00
CA LYS A 141 -15.75 -18.92 -18.04
C LYS A 141 -16.93 -19.80 -18.49
N ALA A 142 -16.65 -21.10 -18.66
CA ALA A 142 -17.67 -22.06 -19.03
C ALA A 142 -18.84 -22.08 -18.05
N LYS A 143 -18.62 -21.52 -16.86
CA LYS A 143 -19.68 -21.51 -15.85
C LYS A 143 -20.13 -20.08 -15.55
N GLY A 144 -19.78 -19.15 -16.45
CA GLY A 144 -20.22 -17.77 -16.33
C GLY A 144 -19.45 -16.95 -15.29
N LYS A 145 -18.29 -17.44 -14.88
CA LYS A 145 -17.45 -16.71 -13.92
C LYS A 145 -16.10 -16.35 -14.56
N SER A 146 -15.22 -15.75 -13.76
CA SER A 146 -13.86 -15.48 -14.20
C SER A 146 -12.90 -15.88 -13.09
N ALA A 147 -11.64 -16.12 -13.44
CA ALA A 147 -10.68 -16.60 -12.45
C ALA A 147 -10.19 -15.49 -11.52
N LEU A 148 -9.74 -14.38 -12.11
CA LEU A 148 -9.06 -13.35 -11.34
C LEU A 148 -9.38 -11.95 -11.83
N MET A 149 -9.70 -11.07 -10.89
CA MET A 149 -9.82 -9.65 -11.18
C MET A 149 -9.15 -8.84 -10.08
N PHE A 150 -8.27 -7.94 -10.48
CA PHE A 150 -7.67 -7.01 -9.54
C PHE A 150 -7.37 -5.69 -10.23
N ASN A 151 -7.04 -4.68 -9.44
CA ASN A 151 -6.85 -3.33 -9.96
C ASN A 151 -5.62 -3.21 -10.86
N LEU A 152 -5.83 -3.07 -12.16
CA LEU A 152 -4.71 -2.95 -13.08
C LEU A 152 -4.22 -1.51 -13.25
N GLN A 153 -4.97 -0.55 -12.74
CA GLN A 153 -4.67 0.85 -13.01
C GLN A 153 -3.57 1.40 -12.10
N GLU A 154 -3.38 0.76 -10.95
CA GLU A 154 -2.32 1.14 -10.03
C GLU A 154 -1.17 0.10 -10.06
N PRO A 155 0.05 0.57 -10.34
CA PRO A 155 1.18 -0.35 -10.45
C PRO A 155 1.47 -1.13 -9.16
N TYR A 156 1.02 -0.62 -8.01
CA TYR A 156 1.13 -1.36 -6.75
C TYR A 156 0.66 -2.81 -6.89
N PHE A 157 -0.41 -3.03 -7.64
CA PHE A 157 -1.01 -4.37 -7.78
C PHE A 157 -0.31 -5.27 -8.80
N THR A 158 0.37 -4.68 -9.77
CA THR A 158 1.03 -5.44 -10.81
C THR A 158 2.52 -5.65 -10.55
N TRP A 159 3.10 -4.78 -9.73
CA TRP A 159 4.51 -4.87 -9.42
C TRP A 159 4.95 -6.24 -8.89
N PRO A 160 4.12 -6.88 -8.05
CA PRO A 160 4.55 -8.15 -7.46
C PRO A 160 4.86 -9.22 -8.51
N LEU A 161 4.12 -9.20 -9.60
CA LEU A 161 4.37 -10.11 -10.72
C LEU A 161 5.60 -9.65 -11.52
N ILE A 162 5.74 -8.34 -11.70
CA ILE A 162 6.87 -7.80 -12.44
C ILE A 162 8.18 -8.05 -11.71
N ALA A 163 8.12 -8.02 -10.38
CA ALA A 163 9.31 -8.22 -9.56
C ALA A 163 9.67 -9.68 -9.35
N ALA A 164 8.70 -10.55 -9.55
CA ALA A 164 8.84 -11.97 -9.21
C ALA A 164 10.09 -12.60 -9.80
N ASP A 165 10.32 -12.39 -11.09
CA ASP A 165 11.43 -13.03 -11.80
C ASP A 165 12.62 -12.10 -11.98
N GLY A 166 12.69 -11.03 -11.19
CA GLY A 166 13.90 -10.22 -11.18
C GLY A 166 13.76 -8.73 -11.37
N GLY A 167 12.56 -8.25 -11.65
CA GLY A 167 12.35 -6.81 -11.74
C GLY A 167 12.67 -6.15 -10.42
N TYR A 168 13.30 -4.98 -10.47
CA TYR A 168 13.55 -4.20 -9.28
C TYR A 168 13.44 -2.71 -9.57
N ALA A 169 13.28 -1.89 -8.53
CA ALA A 169 13.14 -0.46 -8.70
C ALA A 169 14.51 0.19 -8.84
N PHE A 170 15.19 0.38 -7.72
CA PHE A 170 16.53 0.95 -7.72
C PHE A 170 17.51 -0.05 -7.12
N LYS A 171 18.70 -0.15 -7.72
CA LYS A 171 19.72 -1.06 -7.23
C LYS A 171 20.28 -0.58 -5.89
N TYR A 172 20.40 -1.50 -4.94
CA TYR A 172 20.95 -1.15 -3.63
C TYR A 172 22.45 -1.40 -3.68
N GLU A 173 23.23 -0.36 -3.53
CA GLU A 173 24.68 -0.46 -3.74
C GLU A 173 25.42 0.45 -2.78
N ASN A 174 26.51 -0.05 -2.22
CA ASN A 174 27.29 0.72 -1.25
C ASN A 174 26.39 1.30 -0.15
N GLY A 175 25.45 0.49 0.34
CA GLY A 175 24.61 0.88 1.45
C GLY A 175 23.57 1.95 1.15
N LYS A 176 23.32 2.21 -0.12
CA LYS A 176 22.30 3.18 -0.52
C LYS A 176 21.66 2.80 -1.85
N TYR A 177 20.50 3.37 -2.15
CA TYR A 177 19.86 3.12 -3.43
C TYR A 177 20.52 3.96 -4.52
N ASP A 178 20.93 3.32 -5.61
CA ASP A 178 21.54 4.01 -6.75
C ASP A 178 20.44 4.48 -7.68
N ILE A 179 20.14 5.78 -7.66
CA ILE A 179 18.98 6.30 -8.35
C ILE A 179 19.14 6.28 -9.87
N LYS A 180 20.36 6.02 -10.34
CA LYS A 180 20.56 5.94 -11.79
C LYS A 180 20.46 4.50 -12.30
N ASP A 181 20.34 3.54 -11.39
CA ASP A 181 20.34 2.13 -11.76
C ASP A 181 18.98 1.50 -11.49
N VAL A 182 18.15 1.48 -12.53
CA VAL A 182 16.75 1.09 -12.41
C VAL A 182 16.54 -0.28 -13.04
N GLY A 183 15.77 -1.13 -12.37
CA GLY A 183 15.65 -2.51 -12.82
C GLY A 183 14.32 -2.89 -13.45
N VAL A 184 13.63 -1.93 -14.06
CA VAL A 184 12.31 -2.21 -14.58
C VAL A 184 12.36 -2.71 -16.02
N ASP A 185 13.56 -2.72 -16.61
CA ASP A 185 13.69 -3.17 -18.01
C ASP A 185 14.63 -4.36 -18.14
N ASN A 186 14.74 -5.18 -17.10
CA ASN A 186 15.58 -6.35 -17.21
C ASN A 186 14.75 -7.56 -17.63
N ALA A 187 15.40 -8.71 -17.79
CA ALA A 187 14.72 -9.90 -18.32
C ALA A 187 13.50 -10.31 -17.50
N GLY A 188 13.65 -10.31 -16.17
CA GLY A 188 12.57 -10.69 -15.28
C GLY A 188 11.38 -9.76 -15.32
N ALA A 189 11.65 -8.45 -15.37
CA ALA A 189 10.58 -7.47 -15.51
C ALA A 189 9.81 -7.67 -16.80
N LYS A 190 10.53 -7.88 -17.90
CA LYS A 190 9.89 -8.12 -19.20
C LYS A 190 9.03 -9.37 -19.20
N ALA A 191 9.55 -10.44 -18.59
CA ALA A 191 8.79 -11.68 -18.53
C ALA A 191 7.49 -11.47 -17.74
N GLY A 192 7.60 -10.74 -16.63
CA GLY A 192 6.44 -10.49 -15.80
C GLY A 192 5.38 -9.66 -16.52
N LEU A 193 5.80 -8.55 -17.13
CA LEU A 193 4.84 -7.70 -17.82
C LEU A 193 4.27 -8.42 -19.06
N THR A 194 5.11 -9.19 -19.74
CA THR A 194 4.63 -9.99 -20.87
C THR A 194 3.52 -10.96 -20.46
N PHE A 195 3.66 -11.60 -19.30
CA PHE A 195 2.64 -12.56 -18.88
C PHE A 195 1.34 -11.85 -18.60
N LEU A 196 1.44 -10.64 -18.03
CA LEU A 196 0.26 -9.83 -17.73
C LEU A 196 -0.45 -9.38 -19.00
N VAL A 197 0.32 -8.84 -19.94
CA VAL A 197 -0.25 -8.40 -21.21
C VAL A 197 -0.96 -9.56 -21.91
N ASP A 198 -0.35 -10.74 -21.85
CA ASP A 198 -0.92 -11.92 -22.48
C ASP A 198 -2.24 -12.34 -21.87
N LEU A 199 -2.34 -12.24 -20.55
CA LEU A 199 -3.60 -12.50 -19.86
C LEU A 199 -4.70 -11.60 -20.43
N ILE A 200 -4.34 -10.35 -20.69
CA ILE A 200 -5.27 -9.39 -21.26
C ILE A 200 -5.57 -9.68 -22.73
N LYS A 201 -4.52 -9.97 -23.50
CA LYS A 201 -4.67 -10.28 -24.92
C LYS A 201 -5.56 -11.50 -25.14
N ASN A 202 -5.47 -12.47 -24.24
CA ASN A 202 -6.27 -13.69 -24.36
C ASN A 202 -7.59 -13.59 -23.60
N LYS A 203 -7.96 -12.36 -23.24
CA LYS A 203 -9.25 -12.03 -22.64
C LYS A 203 -9.52 -12.66 -21.28
N HIS A 204 -8.46 -12.96 -20.52
CA HIS A 204 -8.62 -13.47 -19.17
C HIS A 204 -8.77 -12.33 -18.16
N MET A 205 -8.36 -11.13 -18.58
CA MET A 205 -8.61 -9.93 -17.79
C MET A 205 -8.87 -8.75 -18.68
N ASN A 206 -9.44 -7.70 -18.11
CA ASN A 206 -9.79 -6.51 -18.84
C ASN A 206 -8.84 -5.40 -18.47
N ALA A 207 -8.19 -4.80 -19.48
CA ALA A 207 -7.25 -3.71 -19.25
C ALA A 207 -7.82 -2.49 -18.53
N ASP A 208 -9.13 -2.32 -18.53
CA ASP A 208 -9.68 -1.16 -17.84
C ASP A 208 -10.15 -1.48 -16.43
N THR A 209 -9.88 -2.70 -15.97
CA THR A 209 -10.32 -3.11 -14.64
C THR A 209 -9.66 -2.23 -13.59
N ASP A 210 -10.44 -1.77 -12.61
CA ASP A 210 -9.88 -0.90 -11.59
C ASP A 210 -10.29 -1.40 -10.23
N TYR A 211 -10.00 -0.63 -9.20
CA TYR A 211 -10.23 -1.07 -7.84
C TYR A 211 -11.70 -1.44 -7.58
N SER A 212 -12.61 -0.53 -7.94
CA SER A 212 -14.03 -0.70 -7.62
C SER A 212 -14.65 -1.86 -8.39
N ILE A 213 -14.18 -2.06 -9.61
CA ILE A 213 -14.69 -3.12 -10.45
C ILE A 213 -14.29 -4.47 -9.85
N ALA A 214 -13.02 -4.61 -9.53
CA ALA A 214 -12.54 -5.88 -8.99
C ALA A 214 -13.18 -6.18 -7.64
N GLU A 215 -13.31 -5.18 -6.78
CA GLU A 215 -13.94 -5.37 -5.47
C GLU A 215 -15.38 -5.86 -5.57
N ALA A 216 -16.18 -5.22 -6.41
CA ALA A 216 -17.56 -5.64 -6.60
C ALA A 216 -17.65 -7.03 -7.18
N ALA A 217 -16.86 -7.30 -8.22
CA ALA A 217 -16.84 -8.61 -8.87
C ALA A 217 -16.55 -9.71 -7.86
N PHE A 218 -15.58 -9.49 -6.99
CA PHE A 218 -15.27 -10.50 -6.00
C PHE A 218 -16.35 -10.61 -4.94
N ASN A 219 -16.80 -9.47 -4.44
CA ASN A 219 -17.77 -9.44 -3.36
C ASN A 219 -19.17 -9.85 -3.84
N LYS A 220 -19.37 -9.86 -5.15
CA LYS A 220 -20.64 -10.37 -5.71
C LYS A 220 -20.48 -11.79 -6.25
N GLY A 221 -19.32 -12.41 -6.00
CA GLY A 221 -19.11 -13.80 -6.37
C GLY A 221 -19.01 -14.08 -7.87
N GLU A 222 -18.59 -13.10 -8.65
CA GLU A 222 -18.48 -13.27 -10.10
C GLU A 222 -17.08 -13.66 -10.54
N THR A 223 -16.10 -13.39 -9.69
CA THR A 223 -14.73 -13.78 -9.94
C THR A 223 -14.23 -14.63 -8.77
N ALA A 224 -13.38 -15.62 -9.05
CA ALA A 224 -12.96 -16.57 -8.02
C ALA A 224 -11.87 -15.97 -7.14
N MET A 225 -11.09 -15.04 -7.70
CA MET A 225 -9.94 -14.48 -6.99
C MET A 225 -9.75 -12.97 -7.18
N THR A 226 -9.12 -12.34 -6.21
CA THR A 226 -8.70 -10.95 -6.37
C THR A 226 -7.38 -10.78 -5.62
N ILE A 227 -6.72 -9.63 -5.81
CA ILE A 227 -5.51 -9.31 -5.09
C ILE A 227 -5.74 -7.98 -4.36
N ASN A 228 -5.56 -7.98 -3.05
CA ASN A 228 -5.89 -6.79 -2.29
C ASN A 228 -5.27 -6.85 -0.91
N GLY A 229 -5.36 -5.74 -0.19
CA GLY A 229 -4.76 -5.64 1.12
C GLY A 229 -5.79 -5.85 2.21
N PRO A 230 -5.34 -5.80 3.46
CA PRO A 230 -6.19 -6.10 4.61
C PRO A 230 -7.40 -5.20 4.74
N TRP A 231 -7.28 -3.94 4.35
CA TRP A 231 -8.40 -3.01 4.44
C TRP A 231 -9.63 -3.57 3.72
N ALA A 232 -9.40 -4.38 2.71
CA ALA A 232 -10.51 -4.91 1.90
C ALA A 232 -11.34 -6.01 2.57
N TRP A 233 -10.83 -6.63 3.64
CA TRP A 233 -11.55 -7.75 4.26
C TRP A 233 -12.90 -7.37 4.85
N SER A 234 -13.03 -6.13 5.33
CA SER A 234 -14.27 -5.73 5.97
C SER A 234 -15.46 -5.80 4.98
N ASN A 235 -15.28 -5.25 3.78
CA ASN A 235 -16.34 -5.30 2.78
C ASN A 235 -16.67 -6.70 2.28
N ILE A 236 -15.68 -7.59 2.29
CA ILE A 236 -15.92 -8.98 1.91
C ILE A 236 -16.74 -9.65 3.01
N ASP A 237 -16.42 -9.34 4.25
CA ASP A 237 -17.19 -9.81 5.40
C ASP A 237 -18.68 -9.45 5.25
N THR A 238 -18.95 -8.20 4.90
CA THR A 238 -20.32 -7.75 4.69
C THR A 238 -20.99 -8.54 3.56
N SER A 239 -20.21 -8.90 2.53
CA SER A 239 -20.74 -9.59 1.35
C SER A 239 -21.12 -11.05 1.63
N LYS A 240 -20.59 -11.61 2.70
CA LYS A 240 -20.86 -12.99 3.08
C LYS A 240 -20.26 -14.05 2.14
N VAL A 241 -19.47 -13.61 1.15
CA VAL A 241 -18.67 -14.55 0.37
C VAL A 241 -17.79 -15.36 1.33
N ASN A 242 -17.66 -16.65 1.09
CA ASN A 242 -16.82 -17.49 1.94
C ASN A 242 -15.41 -17.43 1.40
N TYR A 243 -14.56 -16.58 1.98
CA TYR A 243 -13.26 -16.29 1.38
C TYR A 243 -12.07 -16.80 2.19
N GLY A 244 -10.94 -16.94 1.50
CA GLY A 244 -9.67 -17.24 2.15
C GLY A 244 -8.64 -16.20 1.74
N VAL A 245 -7.61 -16.04 2.56
CA VAL A 245 -6.52 -15.14 2.22
C VAL A 245 -5.25 -15.97 2.20
N THR A 246 -4.50 -15.91 1.11
CA THR A 246 -3.38 -16.83 0.96
C THR A 246 -2.18 -16.22 0.22
N VAL A 247 -1.11 -17.00 0.12
CA VAL A 247 0.11 -16.55 -0.50
C VAL A 247 -0.12 -16.26 -1.99
N LEU A 248 0.49 -15.19 -2.48
CA LEU A 248 0.39 -14.88 -3.91
C LEU A 248 0.95 -16.00 -4.78
N PRO A 249 0.47 -16.11 -6.02
CA PRO A 249 0.97 -17.20 -6.86
C PRO A 249 2.43 -16.98 -7.24
N THR A 250 3.19 -18.04 -7.52
CA THR A 250 4.56 -17.86 -7.97
C THR A 250 4.57 -17.58 -9.47
N PHE A 251 5.64 -16.96 -9.94
CA PHE A 251 5.88 -16.78 -11.37
C PHE A 251 7.25 -17.32 -11.72
N LYS A 252 7.30 -18.19 -12.73
CA LYS A 252 8.52 -18.90 -13.09
C LYS A 252 9.15 -19.52 -11.86
N GLY A 253 8.30 -20.00 -10.96
CA GLY A 253 8.75 -20.70 -9.78
C GLY A 253 9.18 -19.81 -8.63
N GLN A 254 9.20 -18.50 -8.87
CA GLN A 254 9.67 -17.54 -7.85
C GLN A 254 8.48 -16.86 -7.19
N PRO A 255 8.55 -16.60 -5.87
CA PRO A 255 7.43 -15.92 -5.22
C PRO A 255 7.13 -14.57 -5.86
N SER A 256 5.86 -14.20 -5.97
CA SER A 256 5.52 -12.81 -6.23
C SER A 256 6.17 -11.98 -5.13
N LYS A 257 6.68 -10.81 -5.48
CA LYS A 257 7.44 -9.99 -4.55
C LYS A 257 6.82 -8.61 -4.46
N PRO A 258 5.73 -8.49 -3.71
CA PRO A 258 5.06 -7.20 -3.59
C PRO A 258 5.98 -6.18 -2.96
N PHE A 259 5.85 -4.93 -3.39
CA PHE A 259 6.39 -3.83 -2.61
C PHE A 259 5.42 -3.62 -1.46
N VAL A 260 5.96 -3.58 -0.24
CA VAL A 260 5.16 -3.56 0.98
C VAL A 260 5.16 -2.15 1.59
N GLY A 261 3.98 -1.67 1.96
CA GLY A 261 3.91 -0.35 2.56
C GLY A 261 3.80 -0.42 4.07
N VAL A 262 4.37 0.57 4.74
CA VAL A 262 4.12 0.74 6.17
C VAL A 262 3.22 1.97 6.28
N LEU A 263 1.94 1.75 6.54
CA LEU A 263 1.03 2.87 6.82
C LEU A 263 1.62 3.72 7.93
N SER A 264 1.79 5.01 7.66
CA SER A 264 2.51 5.85 8.58
C SER A 264 1.79 7.17 8.77
N ALA A 265 1.99 7.81 9.92
CA ALA A 265 1.39 9.10 10.21
C ALA A 265 2.45 10.17 10.28
N GLY A 266 2.42 11.08 9.32
CA GLY A 266 3.35 12.20 9.29
C GLY A 266 2.72 13.46 9.86
N ILE A 267 3.55 14.30 10.46
CA ILE A 267 3.08 15.55 11.06
C ILE A 267 3.52 16.70 10.16
N ASN A 268 2.56 17.55 9.78
CA ASN A 268 2.83 18.68 8.91
C ASN A 268 3.82 19.63 9.58
N ALA A 269 4.95 19.89 8.93
CA ALA A 269 6.00 20.71 9.55
C ALA A 269 5.57 22.17 9.76
N ALA A 270 4.53 22.60 9.04
CA ALA A 270 3.99 23.95 9.17
C ALA A 270 2.78 24.03 10.10
N SER A 271 2.40 22.89 10.68
CA SER A 271 1.31 22.90 11.64
C SER A 271 1.74 23.60 12.91
N PRO A 272 0.84 24.41 13.50
CA PRO A 272 1.09 25.03 14.80
C PRO A 272 0.64 24.12 15.94
N ASN A 273 0.33 22.87 15.61
CA ASN A 273 -0.16 21.89 16.57
C ASN A 273 0.70 20.64 16.60
N LYS A 274 2.00 20.79 16.34
CA LYS A 274 2.89 19.62 16.26
C LYS A 274 2.96 18.86 17.58
N GLU A 275 3.01 19.58 18.70
CA GLU A 275 3.06 18.92 20.00
C GLU A 275 1.77 18.14 20.23
N LEU A 276 0.64 18.76 19.86
CA LEU A 276 -0.67 18.11 19.98
C LEU A 276 -0.73 16.86 19.12
N ALA A 277 -0.18 16.93 17.91
CA ALA A 277 -0.19 15.79 17.01
C ALA A 277 0.61 14.60 17.58
N LYS A 278 1.78 14.90 18.14
CA LYS A 278 2.63 13.91 18.79
C LYS A 278 1.88 13.20 19.91
N GLU A 279 1.19 13.98 20.73
CA GLU A 279 0.46 13.43 21.85
C GLU A 279 -0.67 12.51 21.38
N PHE A 280 -1.40 12.93 20.35
CA PHE A 280 -2.48 12.13 19.83
C PHE A 280 -1.92 10.79 19.32
N LEU A 281 -0.84 10.86 18.57
CA LEU A 281 -0.37 9.68 17.88
C LEU A 281 0.29 8.71 18.87
N GLU A 282 1.09 9.26 19.79
CA GLU A 282 1.82 8.42 20.75
C GLU A 282 0.93 7.86 21.86
N ASN A 283 0.08 8.73 22.42
CA ASN A 283 -0.65 8.40 23.65
C ASN A 283 -2.08 7.90 23.40
N TYR A 284 -2.60 8.16 22.23
CA TYR A 284 -3.97 7.74 21.89
C TYR A 284 -3.99 6.70 20.77
N LEU A 285 -3.41 7.04 19.63
CA LEU A 285 -3.53 6.13 18.51
C LEU A 285 -2.69 4.86 18.66
N LEU A 286 -1.43 5.01 19.06
CA LEU A 286 -0.53 3.85 19.12
C LEU A 286 -0.62 3.11 20.45
N THR A 287 -1.84 2.65 20.75
CA THR A 287 -2.15 1.90 21.96
C THR A 287 -2.97 0.71 21.53
N ASP A 288 -3.02 -0.33 22.34
CA ASP A 288 -3.90 -1.46 22.01
C ASP A 288 -5.32 -0.98 21.70
N GLU A 289 -5.79 -0.05 22.51
CA GLU A 289 -7.16 0.44 22.40
C GLU A 289 -7.38 1.29 21.14
N GLY A 290 -6.42 2.16 20.84
CA GLY A 290 -6.55 3.04 19.68
C GLY A 290 -6.52 2.25 18.39
N LEU A 291 -5.54 1.38 18.25
CA LEU A 291 -5.44 0.56 17.03
C LEU A 291 -6.63 -0.37 16.88
N GLU A 292 -7.14 -0.92 17.98
CA GLU A 292 -8.28 -1.81 17.86
C GLU A 292 -9.48 -1.08 17.29
N ALA A 293 -9.66 0.17 17.69
CA ALA A 293 -10.76 0.98 17.19
C ALA A 293 -10.67 1.21 15.67
N VAL A 294 -9.47 1.51 15.18
CA VAL A 294 -9.28 1.67 13.75
C VAL A 294 -9.38 0.29 13.07
N ASN A 295 -8.77 -0.73 13.66
CA ASN A 295 -8.76 -2.07 13.04
C ASN A 295 -10.15 -2.68 12.87
N LYS A 296 -11.03 -2.40 13.82
CA LYS A 296 -12.37 -3.01 13.75
C LYS A 296 -13.24 -2.28 12.73
N ASP A 297 -12.83 -1.07 12.36
CA ASP A 297 -13.46 -0.37 11.25
C ASP A 297 -12.99 -1.00 9.93
N LYS A 298 -11.71 -0.84 9.60
CA LYS A 298 -11.10 -1.54 8.45
C LYS A 298 -9.77 -2.13 8.91
N PRO A 299 -9.54 -3.43 8.66
CA PRO A 299 -8.29 -4.01 9.16
C PRO A 299 -7.04 -3.30 8.66
N LEU A 300 -6.07 -3.13 9.57
CA LEU A 300 -4.84 -2.40 9.31
C LEU A 300 -3.73 -3.24 8.67
N GLY A 301 -3.75 -4.54 8.94
CA GLY A 301 -2.66 -5.41 8.54
C GLY A 301 -1.89 -5.88 9.77
N ALA A 302 -0.60 -6.12 9.61
CA ALA A 302 0.24 -6.47 10.75
C ALA A 302 0.69 -5.18 11.43
N VAL A 303 0.08 -4.85 12.55
CA VAL A 303 0.34 -3.56 13.19
C VAL A 303 1.75 -3.46 13.75
N ALA A 304 2.27 -2.24 13.82
CA ALA A 304 3.63 -2.01 14.27
C ALA A 304 3.78 -2.23 15.78
N LEU A 305 2.67 -2.08 16.50
CA LEU A 305 2.66 -2.17 17.95
C LEU A 305 2.69 -3.63 18.38
N LYS A 306 3.81 -4.07 18.94
CA LYS A 306 3.99 -5.48 19.29
C LYS A 306 2.85 -6.06 20.10
N SER A 307 2.46 -5.39 21.17
CA SER A 307 1.42 -5.91 22.07
C SER A 307 0.13 -6.26 21.34
N TYR A 308 -0.25 -5.44 20.37
CA TYR A 308 -1.47 -5.70 19.63
C TYR A 308 -1.25 -6.71 18.51
N GLU A 309 -0.09 -6.63 17.85
CA GLU A 309 0.17 -7.53 16.72
C GLU A 309 0.19 -8.97 17.22
N GLU A 310 0.69 -9.17 18.43
CA GLU A 310 0.72 -10.51 19.02
C GLU A 310 -0.68 -11.11 19.14
N GLU A 311 -1.69 -10.27 19.35
CA GLU A 311 -3.07 -10.71 19.38
C GLU A 311 -3.56 -10.99 17.96
N LEU A 312 -3.16 -10.14 17.02
CA LEU A 312 -3.64 -10.27 15.65
C LEU A 312 -3.02 -11.47 14.92
N ALA A 313 -1.81 -11.86 15.32
CA ALA A 313 -1.07 -12.90 14.63
C ALA A 313 -1.80 -14.24 14.60
N LYS A 314 -2.79 -14.39 15.47
CA LYS A 314 -3.59 -15.61 15.56
C LYS A 314 -4.46 -15.78 14.31
N ASP A 315 -4.72 -14.67 13.64
CA ASP A 315 -5.62 -14.61 12.49
C ASP A 315 -4.93 -15.16 11.24
N PRO A 316 -5.51 -16.19 10.61
CA PRO A 316 -4.82 -16.79 9.47
C PRO A 316 -4.67 -15.81 8.30
N ARG A 317 -5.53 -14.79 8.27
CA ARG A 317 -5.47 -13.78 7.22
C ARG A 317 -4.26 -12.86 7.43
N ILE A 318 -3.99 -12.55 8.68
CA ILE A 318 -2.76 -11.86 9.05
C ILE A 318 -1.52 -12.72 8.81
N ALA A 319 -1.64 -14.02 9.09
CA ALA A 319 -0.50 -14.90 8.84
C ALA A 319 -0.16 -14.90 7.34
N ALA A 320 -1.20 -14.92 6.50
CA ALA A 320 -1.03 -14.83 5.06
C ALA A 320 -0.43 -13.47 4.68
N THR A 321 -0.89 -12.42 5.34
CA THR A 321 -0.37 -11.08 5.08
C THR A 321 1.13 -11.02 5.35
N MET A 322 1.54 -11.60 6.48
CA MET A 322 2.93 -11.63 6.87
C MET A 322 3.77 -12.47 5.91
N GLU A 323 3.26 -13.61 5.51
CA GLU A 323 3.97 -14.47 4.57
C GLU A 323 4.25 -13.75 3.24
N ASN A 324 3.24 -13.06 2.69
CA ASN A 324 3.47 -12.29 1.46
C ASN A 324 4.43 -11.13 1.67
N ALA A 325 4.32 -10.48 2.83
CA ALA A 325 5.21 -9.38 3.17
C ALA A 325 6.66 -9.84 3.24
N GLN A 326 6.89 -10.99 3.87
CA GLN A 326 8.26 -11.53 3.96
C GLN A 326 8.86 -11.93 2.62
N LYS A 327 7.99 -12.21 1.64
CA LYS A 327 8.49 -12.59 0.33
C LYS A 327 8.66 -11.37 -0.56
N GLY A 328 8.24 -10.22 -0.07
CA GLY A 328 8.40 -8.98 -0.81
C GLY A 328 9.41 -8.10 -0.12
N GLU A 329 9.27 -6.79 -0.29
CA GLU A 329 10.19 -5.86 0.33
C GLU A 329 9.48 -4.61 0.77
N ILE A 330 9.83 -4.14 1.96
CA ILE A 330 9.41 -2.82 2.40
C ILE A 330 9.93 -1.84 1.37
N MET A 331 9.05 -0.96 0.91
CA MET A 331 9.44 0.02 -0.12
C MET A 331 10.57 0.94 0.34
N PRO A 332 11.44 1.32 -0.60
CA PRO A 332 12.34 2.44 -0.28
C PRO A 332 11.48 3.66 -0.02
N ASN A 333 11.99 4.62 0.72
CA ASN A 333 11.25 5.87 0.94
C ASN A 333 11.91 7.06 0.29
N ILE A 334 12.85 6.80 -0.61
CA ILE A 334 13.59 7.88 -1.25
C ILE A 334 12.70 8.74 -2.13
N PRO A 335 13.09 10.00 -2.35
CA PRO A 335 12.21 10.91 -3.09
C PRO A 335 11.90 10.38 -4.48
N GLN A 336 12.77 9.52 -5.01
CA GLN A 336 12.64 9.07 -6.39
C GLN A 336 11.55 8.01 -6.60
N MET A 337 10.93 7.59 -5.50
CA MET A 337 9.86 6.62 -5.61
C MET A 337 8.68 7.11 -6.46
N SER A 338 8.28 8.36 -6.31
CA SER A 338 7.14 8.81 -7.12
C SER A 338 7.44 8.78 -8.63
N ALA A 339 8.69 9.05 -9.01
CA ALA A 339 9.07 8.95 -10.42
C ALA A 339 9.02 7.50 -10.88
N PHE A 340 9.49 6.60 -10.02
CA PHE A 340 9.45 5.17 -10.29
C PHE A 340 8.02 4.68 -10.51
N TRP A 341 7.11 5.02 -9.60
CA TRP A 341 5.76 4.53 -9.71
C TRP A 341 5.09 5.08 -10.97
N TYR A 342 5.38 6.34 -11.27
CA TYR A 342 4.85 6.98 -12.46
C TYR A 342 5.33 6.29 -13.74
N ALA A 343 6.61 5.91 -13.76
CA ALA A 343 7.18 5.22 -14.91
C ALA A 343 6.55 3.86 -15.12
N VAL A 344 6.38 3.10 -14.04
CA VAL A 344 5.76 1.78 -14.12
C VAL A 344 4.28 1.91 -14.47
N ARG A 345 3.56 2.85 -13.86
CA ARG A 345 2.14 3.03 -14.18
C ARG A 345 1.97 3.20 -15.69
N THR A 346 2.77 4.10 -16.26
CA THR A 346 2.71 4.45 -17.67
C THR A 346 3.04 3.27 -18.55
N ALA A 347 4.09 2.53 -18.19
CA ALA A 347 4.53 1.38 -18.97
C ALA A 347 3.45 0.31 -18.96
N VAL A 348 2.85 0.06 -17.80
CA VAL A 348 1.83 -0.99 -17.71
C VAL A 348 0.58 -0.66 -18.54
N ILE A 349 0.08 0.56 -18.40
CA ILE A 349 -1.06 1.00 -19.20
C ILE A 349 -0.77 0.94 -20.70
N ASN A 350 0.39 1.45 -21.11
CA ASN A 350 0.75 1.43 -22.54
C ASN A 350 0.88 0.03 -23.11
N ALA A 351 1.45 -0.88 -22.33
CA ALA A 351 1.63 -2.26 -22.75
C ALA A 351 0.29 -3.01 -22.75
N ALA A 352 -0.51 -2.80 -21.72
CA ALA A 352 -1.78 -3.50 -21.60
C ALA A 352 -2.80 -3.08 -22.66
N SER A 353 -2.67 -1.86 -23.16
CA SER A 353 -3.62 -1.32 -24.15
C SER A 353 -3.18 -1.62 -25.58
N GLY A 354 -1.93 -2.07 -25.71
CA GLY A 354 -1.37 -2.41 -27.01
C GLY A 354 -0.77 -1.20 -27.69
N ARG A 355 -0.72 -0.08 -26.99
CA ARG A 355 -0.18 1.15 -27.55
C ARG A 355 1.34 1.16 -27.62
N GLN A 356 1.96 0.29 -26.82
CA GLN A 356 3.37 -0.04 -26.94
C GLN A 356 3.56 -1.52 -26.71
N THR A 357 4.66 -2.06 -27.25
CA THR A 357 5.09 -3.41 -26.88
C THR A 357 5.66 -3.35 -25.46
N VAL A 358 5.73 -4.51 -24.81
CA VAL A 358 6.37 -4.61 -23.51
C VAL A 358 7.78 -4.05 -23.57
N ASP A 359 8.58 -4.53 -24.51
CA ASP A 359 9.95 -4.05 -24.61
C ASP A 359 10.06 -2.52 -24.73
N GLU A 360 9.22 -1.92 -25.58
CA GLU A 360 9.22 -0.46 -25.76
C GLU A 360 8.77 0.24 -24.48
N ALA A 361 7.71 -0.28 -23.88
CA ALA A 361 7.15 0.33 -22.67
C ALA A 361 8.18 0.34 -21.53
N LEU A 362 8.81 -0.80 -21.28
CA LEU A 362 9.72 -0.91 -20.15
C LEU A 362 11.03 -0.16 -20.38
N LYS A 363 11.50 -0.15 -21.64
CA LYS A 363 12.69 0.62 -21.99
C LYS A 363 12.48 2.09 -21.63
N ASP A 364 11.35 2.64 -22.02
CA ASP A 364 10.97 4.02 -21.68
C ASP A 364 10.85 4.25 -20.17
N ALA A 365 10.28 3.29 -19.46
CA ALA A 365 10.18 3.37 -18.00
C ALA A 365 11.55 3.48 -17.33
N GLN A 366 12.48 2.66 -17.80
CA GLN A 366 13.83 2.65 -17.23
C GLN A 366 14.46 4.02 -17.41
N THR A 367 14.31 4.55 -18.61
CA THR A 367 14.86 5.85 -18.96
C THR A 367 14.25 6.94 -18.10
N ASN A 368 12.92 6.95 -18.00
CA ASN A 368 12.23 7.97 -17.26
C ASN A 368 12.47 7.91 -15.76
N ALA A 369 12.38 6.70 -15.19
CA ALA A 369 12.61 6.53 -13.76
C ALA A 369 13.99 7.06 -13.34
N ALA A 370 14.98 6.91 -14.22
CA ALA A 370 16.35 7.30 -13.90
C ALA A 370 16.67 8.80 -14.15
N ALA A 371 15.78 9.49 -14.84
CA ALA A 371 16.00 10.90 -15.14
C ALA A 371 16.26 11.69 -13.86
N ALA A 372 17.30 12.53 -13.90
CA ALA A 372 17.64 13.32 -12.72
C ALA A 372 16.50 14.28 -12.40
N ALA A 373 16.31 14.55 -11.11
CA ALA A 373 15.21 15.41 -10.65
C ALA A 373 15.54 16.03 -9.31
N GLY A 374 15.18 17.31 -9.14
CA GLY A 374 15.40 18.01 -7.89
C GLY A 374 14.23 17.87 -6.95
N LYS A 376 11.70 19.69 -6.15
CA LYS A 376 10.45 20.41 -6.38
C LYS A 376 9.58 19.85 -7.52
#